data_1VPE
#
_entry.id   1VPE
#
_cell.length_a   62.009
_cell.length_b   76.864
_cell.length_c   87.501
_cell.angle_alpha   90.00
_cell.angle_beta   90.00
_cell.angle_gamma   90.00
#
_symmetry.space_group_name_H-M   'P 21 21 2'
#
loop_
_entity.id
_entity.type
_entity.pdbx_description
1 polymer 'PHOSPHOGLYCERATE KINASE'
2 non-polymer 'MAGNESIUM ION'
3 non-polymer 'PHOSPHOAMINOPHOSPHONIC ACID-ADENYLATE ESTER'
4 non-polymer '3-PHOSPHOGLYCERIC ACID'
5 water water
#
_entity_poly.entity_id   1
_entity_poly.type   'polypeptide(L)'
_entity_poly.pdbx_seq_one_letter_code
;EKMTIRDVDLKGKRVIMRVDFNVPVKDGVVQDDTRIRAALPTIKYALEQGAKVILLSHLGRPKGEPSPEFSLAPVAKRLS
ELLGKEVKFVPAVVGDEVKKAVEELKEGEVLLLENTRFHPGETKNDPELAKFWASLADIHVNDAFGTAHRAHASNVGIAQ
FIPSVAGFLMEKEIKFLSKVTYNPEKPYVVVLGGAKVSDKIGVITNLMEKADRILIGGAMMFTFLKALGKEVGSSRVEED
KIDLAKELVEKAKEKGVEIVLPVDAVIAQKIEPGVEKKVVRIDDGIPEGWMGLDIGPETIELFKQKLSDAKTVVWNGPMG
VFEIDDFAEGTKQVALAIAALTEKGAITVVGGGDSAAAVNKFGLEDKFSHVSTGGGASLEFLEGKELPGIASMRIKKA
;
_entity_poly.pdbx_strand_id   A
#
loop_
_chem_comp.id
_chem_comp.type
_chem_comp.name
_chem_comp.formula
3PG non-polymer '3-PHOSPHOGLYCERIC ACID' 'C3 H7 O7 P'
ANP non-polymer 'PHOSPHOAMINOPHOSPHONIC ACID-ADENYLATE ESTER' 'C10 H17 N6 O12 P3'
MG non-polymer 'MAGNESIUM ION' 'Mg 2'
#
# COMPACT_ATOMS: atom_id res chain seq x y z
N GLU A 1 -5.94 -11.53 18.81
CA GLU A 1 -4.74 -12.30 18.39
C GLU A 1 -5.17 -13.41 17.42
N LYS A 2 -4.60 -13.40 16.22
CA LYS A 2 -4.94 -14.41 15.23
C LYS A 2 -3.88 -15.48 15.30
N MET A 3 -4.24 -16.69 14.88
CA MET A 3 -3.26 -17.78 14.86
C MET A 3 -2.20 -17.41 13.81
N THR A 4 -0.94 -17.74 14.09
CA THR A 4 0.12 -17.45 13.18
C THR A 4 0.78 -18.73 12.73
N ILE A 5 1.61 -18.61 11.72
CA ILE A 5 2.35 -19.71 11.13
C ILE A 5 3.23 -20.44 12.19
N ARG A 6 3.40 -19.80 13.34
CA ARG A 6 4.18 -20.35 14.42
C ARG A 6 3.35 -21.37 15.21
N ASP A 7 2.03 -21.21 15.20
CA ASP A 7 1.12 -22.07 15.94
C ASP A 7 0.65 -23.32 15.24
N VAL A 8 1.33 -23.71 14.17
CA VAL A 8 0.93 -24.91 13.44
C VAL A 8 2.15 -25.72 13.12
N ASP A 9 1.97 -27.03 12.97
CA ASP A 9 3.06 -27.93 12.60
C ASP A 9 3.13 -27.83 11.10
N LEU A 10 4.30 -27.49 10.59
CA LEU A 10 4.48 -27.36 9.15
C LEU A 10 5.19 -28.53 8.52
N LYS A 11 5.93 -29.28 9.33
CA LYS A 11 6.70 -30.42 8.84
C LYS A 11 5.91 -31.35 7.92
N GLY A 12 6.41 -31.49 6.69
CA GLY A 12 5.77 -32.35 5.70
C GLY A 12 4.51 -31.84 5.02
N LYS A 13 4.01 -30.68 5.45
CA LYS A 13 2.80 -30.12 4.86
C LYS A 13 2.96 -29.26 3.61
N ARG A 14 1.89 -29.14 2.85
CA ARG A 14 1.85 -28.30 1.67
C ARG A 14 1.17 -27.03 2.19
N VAL A 15 1.88 -25.90 2.10
CA VAL A 15 1.36 -24.63 2.60
C VAL A 15 1.19 -23.65 1.45
N ILE A 16 -0.04 -23.20 1.25
CA ILE A 16 -0.29 -22.24 0.19
C ILE A 16 -0.25 -20.88 0.89
N MET A 17 0.66 -20.04 0.45
CA MET A 17 0.88 -18.76 1.08
C MET A 17 0.49 -17.57 0.19
N ARG A 18 -0.37 -16.69 0.69
CA ARG A 18 -0.75 -15.52 -0.10
C ARG A 18 0.14 -14.37 0.36
N VAL A 19 0.94 -13.84 -0.57
CA VAL A 19 1.85 -12.72 -0.31
C VAL A 19 1.48 -11.54 -1.23
N ASP A 20 1.92 -10.34 -0.87
CA ASP A 20 1.67 -9.21 -1.74
C ASP A 20 2.99 -8.93 -2.48
N PHE A 21 3.10 -9.43 -3.69
CA PHE A 21 4.27 -9.20 -4.53
C PHE A 21 3.84 -8.25 -5.67
N ASN A 22 2.92 -7.34 -5.37
CA ASN A 22 2.43 -6.37 -6.36
C ASN A 22 3.47 -5.26 -6.41
N VAL A 23 4.56 -5.53 -7.12
CA VAL A 23 5.68 -4.60 -7.24
C VAL A 23 5.81 -3.91 -8.60
N PRO A 24 6.53 -2.77 -8.64
CA PRO A 24 6.69 -2.10 -9.93
C PRO A 24 7.72 -2.84 -10.78
N VAL A 25 7.35 -3.17 -12.02
CA VAL A 25 8.25 -3.85 -12.96
C VAL A 25 8.42 -3.02 -14.25
N LYS A 26 9.64 -2.92 -14.75
CA LYS A 26 9.94 -2.15 -15.98
C LYS A 26 10.93 -2.98 -16.78
N ASP A 27 10.57 -3.24 -18.03
CA ASP A 27 11.37 -4.04 -18.96
C ASP A 27 11.72 -5.41 -18.37
N GLY A 28 10.80 -6.00 -17.63
CA GLY A 28 11.03 -7.32 -17.06
C GLY A 28 11.96 -7.41 -15.86
N VAL A 29 12.09 -6.30 -15.14
CA VAL A 29 12.94 -6.23 -13.96
C VAL A 29 12.16 -5.51 -12.87
N VAL A 30 12.19 -6.05 -11.65
CA VAL A 30 11.48 -5.45 -10.54
C VAL A 30 12.24 -4.18 -10.21
N GLN A 31 11.51 -3.08 -10.20
CA GLN A 31 12.09 -1.79 -9.89
C GLN A 31 12.18 -1.53 -8.38
N ASP A 32 11.25 -2.08 -7.62
CA ASP A 32 11.28 -1.88 -6.18
C ASP A 32 10.89 -3.22 -5.51
N ASP A 33 11.85 -3.86 -4.86
CA ASP A 33 11.64 -5.14 -4.21
C ASP A 33 11.26 -5.13 -2.71
N THR A 34 10.93 -3.97 -2.16
CA THR A 34 10.55 -3.81 -0.74
C THR A 34 9.49 -4.82 -0.27
N ARG A 35 8.43 -5.01 -1.07
CA ARG A 35 7.36 -5.95 -0.77
C ARG A 35 7.83 -7.40 -0.75
N ILE A 36 8.78 -7.74 -1.60
CA ILE A 36 9.29 -9.11 -1.65
C ILE A 36 10.15 -9.35 -0.42
N ARG A 37 11.09 -8.44 -0.16
CA ARG A 37 11.93 -8.54 1.02
C ARG A 37 11.09 -8.58 2.29
N ALA A 38 10.00 -7.84 2.33
CA ALA A 38 9.19 -7.84 3.55
C ALA A 38 8.57 -9.20 3.85
N ALA A 39 8.33 -9.97 2.79
CA ALA A 39 7.73 -11.28 2.93
C ALA A 39 8.70 -12.41 3.19
N LEU A 40 9.99 -12.18 2.94
CA LEU A 40 11.02 -13.21 3.13
C LEU A 40 11.02 -13.99 4.44
N PRO A 41 10.94 -13.32 5.62
CA PRO A 41 10.95 -14.02 6.90
C PRO A 41 9.98 -15.20 6.95
N THR A 42 8.74 -14.92 6.58
CA THR A 42 7.69 -15.93 6.56
C THR A 42 8.07 -17.09 5.64
N ILE A 43 8.53 -16.78 4.42
CA ILE A 43 8.91 -17.80 3.46
C ILE A 43 10.06 -18.66 3.96
N LYS A 44 11.13 -18.02 4.43
CA LYS A 44 12.29 -18.71 4.94
C LYS A 44 11.92 -19.64 6.12
N TYR A 45 11.07 -19.15 7.01
CA TYR A 45 10.62 -19.93 8.15
C TYR A 45 9.91 -21.23 7.70
N ALA A 46 8.93 -21.12 6.81
CA ALA A 46 8.21 -22.29 6.31
C ALA A 46 9.17 -23.31 5.70
N LEU A 47 10.11 -22.85 4.87
CA LEU A 47 11.08 -23.73 4.22
C LEU A 47 11.95 -24.50 5.23
N GLU A 48 12.38 -23.83 6.29
CA GLU A 48 13.21 -24.46 7.33
C GLU A 48 12.42 -25.48 8.16
N GLN A 49 11.11 -25.27 8.28
CA GLN A 49 10.27 -26.19 9.01
C GLN A 49 9.92 -27.39 8.12
N GLY A 50 10.55 -27.46 6.95
CA GLY A 50 10.35 -28.56 6.03
C GLY A 50 9.00 -28.63 5.34
N ALA A 51 8.44 -27.49 5.00
CA ALA A 51 7.16 -27.44 4.31
C ALA A 51 7.37 -27.32 2.80
N LYS A 52 6.31 -27.63 2.06
CA LYS A 52 6.32 -27.51 0.60
C LYS A 52 5.54 -26.21 0.40
N VAL A 53 6.18 -25.18 -0.14
CA VAL A 53 5.52 -23.88 -0.27
C VAL A 53 5.07 -23.44 -1.67
N ILE A 54 3.79 -23.07 -1.75
CA ILE A 54 3.17 -22.59 -2.97
C ILE A 54 2.81 -21.14 -2.69
N LEU A 55 3.28 -20.24 -3.54
CA LEU A 55 2.99 -18.81 -3.38
C LEU A 55 1.95 -18.35 -4.38
N LEU A 56 1.05 -17.51 -3.88
CA LEU A 56 0.01 -16.90 -4.66
C LEU A 56 0.11 -15.40 -4.49
N SER A 57 -0.11 -14.67 -5.59
CA SER A 57 -0.10 -13.23 -5.58
C SER A 57 -0.68 -12.67 -6.86
N HIS A 58 -1.06 -11.40 -6.78
CA HIS A 58 -1.54 -10.64 -7.95
C HIS A 58 -0.41 -9.63 -8.33
N LEU A 59 -0.55 -8.98 -9.48
CA LEU A 59 0.39 -7.94 -9.96
C LEU A 59 -0.47 -7.03 -10.83
N GLY A 60 -0.63 -5.78 -10.39
CA GLY A 60 -1.44 -4.84 -11.11
C GLY A 60 -2.89 -5.27 -11.17
N ARG A 61 -3.59 -4.73 -12.17
CA ARG A 61 -4.99 -5.03 -12.40
C ARG A 61 -5.23 -5.43 -13.86
N PRO A 62 -4.90 -6.68 -14.24
CA PRO A 62 -5.10 -7.17 -15.61
C PRO A 62 -6.60 -7.15 -15.88
N LYS A 63 -7.02 -7.17 -17.14
CA LYS A 63 -8.46 -7.15 -17.44
C LYS A 63 -9.19 -8.39 -16.89
N GLY A 64 -8.43 -9.44 -16.57
CA GLY A 64 -8.99 -10.68 -16.07
C GLY A 64 -8.53 -11.75 -17.05
N GLU A 65 -7.61 -11.35 -17.92
CA GLU A 65 -7.02 -12.19 -18.96
C GLU A 65 -5.51 -11.94 -18.89
N PRO A 66 -4.70 -12.89 -19.40
CA PRO A 66 -3.22 -12.77 -19.40
C PRO A 66 -2.69 -11.58 -20.21
N SER A 67 -1.53 -11.07 -19.79
CA SER A 67 -0.83 -9.94 -20.42
C SER A 67 0.61 -10.12 -19.97
N PRO A 68 1.56 -10.29 -20.90
CA PRO A 68 2.97 -10.48 -20.55
C PRO A 68 3.47 -9.47 -19.53
N GLU A 69 3.04 -8.22 -19.69
CA GLU A 69 3.46 -7.14 -18.81
C GLU A 69 3.03 -7.33 -17.36
N PHE A 70 2.03 -8.18 -17.13
CA PHE A 70 1.54 -8.41 -15.78
C PHE A 70 1.94 -9.80 -15.26
N SER A 71 2.83 -10.47 -15.97
CA SER A 71 3.27 -11.78 -15.54
C SER A 71 4.12 -11.68 -14.28
N LEU A 72 4.10 -12.75 -13.47
CA LEU A 72 4.88 -12.83 -12.24
C LEU A 72 6.25 -13.45 -12.49
N ALA A 73 6.60 -13.72 -13.75
CA ALA A 73 7.90 -14.30 -14.09
C ALA A 73 9.11 -13.47 -13.58
N PRO A 74 9.08 -12.14 -13.76
CA PRO A 74 10.18 -11.30 -13.28
C PRO A 74 10.32 -11.37 -11.73
N VAL A 75 9.19 -11.49 -11.06
CA VAL A 75 9.12 -11.56 -9.61
C VAL A 75 9.71 -12.88 -9.09
N ALA A 76 9.45 -13.99 -9.78
CA ALA A 76 10.03 -15.28 -9.38
C ALA A 76 11.56 -15.21 -9.47
N LYS A 77 12.09 -14.60 -10.55
CA LYS A 77 13.54 -14.45 -10.73
C LYS A 77 14.12 -13.62 -9.56
N ARG A 78 13.45 -12.50 -9.25
CA ARG A 78 13.92 -11.65 -8.16
C ARG A 78 13.86 -12.37 -6.82
N LEU A 79 12.78 -13.09 -6.57
CA LEU A 79 12.63 -13.84 -5.33
C LEU A 79 13.75 -14.86 -5.19
N SER A 80 14.10 -15.52 -6.30
CA SER A 80 15.19 -16.49 -6.29
C SER A 80 16.50 -15.82 -5.88
N GLU A 81 16.78 -14.64 -6.43
CA GLU A 81 17.98 -13.89 -6.07
C GLU A 81 17.97 -13.56 -4.57
N LEU A 82 16.84 -13.04 -4.07
CA LEU A 82 16.73 -12.66 -2.66
C LEU A 82 16.81 -13.80 -1.69
N LEU A 83 16.26 -14.93 -2.10
CA LEU A 83 16.21 -16.10 -1.27
C LEU A 83 17.50 -16.90 -1.30
N GLY A 84 18.21 -16.87 -2.42
CA GLY A 84 19.43 -17.64 -2.54
C GLY A 84 19.09 -19.11 -2.81
N LYS A 85 17.89 -19.34 -3.30
CA LYS A 85 17.41 -20.67 -3.60
C LYS A 85 16.53 -20.57 -4.83
N GLU A 86 16.59 -21.58 -5.69
CA GLU A 86 15.78 -21.65 -6.90
C GLU A 86 14.28 -21.61 -6.55
N VAL A 87 13.51 -20.85 -7.31
CA VAL A 87 12.07 -20.75 -7.10
C VAL A 87 11.49 -21.30 -8.39
N LYS A 88 10.54 -22.22 -8.30
CA LYS A 88 9.93 -22.75 -9.50
C LYS A 88 8.73 -21.88 -9.85
N PHE A 89 8.61 -21.53 -11.12
CA PHE A 89 7.51 -20.70 -11.56
C PHE A 89 6.64 -21.48 -12.54
N VAL A 90 5.32 -21.47 -12.33
CA VAL A 90 4.38 -22.15 -13.21
C VAL A 90 3.57 -21.02 -13.81
N PRO A 91 3.64 -20.85 -15.15
CA PRO A 91 2.91 -19.79 -15.85
C PRO A 91 1.43 -20.12 -16.04
N ALA A 92 0.79 -20.56 -14.95
CA ALA A 92 -0.60 -20.94 -14.96
C ALA A 92 -1.15 -20.71 -13.55
N VAL A 93 -2.45 -20.46 -13.46
CA VAL A 93 -3.13 -20.22 -12.19
C VAL A 93 -3.92 -21.47 -11.77
N VAL A 94 -4.52 -22.16 -12.77
CA VAL A 94 -5.32 -23.39 -12.58
C VAL A 94 -4.96 -24.39 -13.66
N GLY A 95 -5.27 -25.66 -13.42
CA GLY A 95 -4.97 -26.66 -14.43
C GLY A 95 -4.05 -27.80 -14.04
N ASP A 96 -3.83 -28.72 -14.98
CA ASP A 96 -2.98 -29.90 -14.80
C ASP A 96 -1.55 -29.49 -14.55
N GLU A 97 -1.12 -28.45 -15.27
CA GLU A 97 0.24 -27.94 -15.13
C GLU A 97 0.49 -27.56 -13.65
N VAL A 98 -0.52 -26.94 -13.02
CA VAL A 98 -0.44 -26.53 -11.60
C VAL A 98 -0.49 -27.74 -10.64
N LYS A 99 -1.37 -28.69 -10.94
CA LYS A 99 -1.50 -29.89 -10.12
C LYS A 99 -0.22 -30.68 -10.18
N LYS A 100 0.33 -30.81 -11.38
CA LYS A 100 1.58 -31.56 -11.56
C LYS A 100 2.75 -30.95 -10.78
N ALA A 101 2.90 -29.64 -10.86
CA ALA A 101 3.98 -28.93 -10.16
C ALA A 101 3.88 -29.12 -8.63
N VAL A 102 2.68 -28.88 -8.08
CA VAL A 102 2.48 -29.04 -6.65
C VAL A 102 2.79 -30.47 -6.22
N GLU A 103 2.44 -31.41 -7.09
CA GLU A 103 2.64 -32.85 -6.89
C GLU A 103 4.13 -33.22 -6.76
N GLU A 104 4.94 -32.66 -7.65
CA GLU A 104 6.38 -32.91 -7.65
C GLU A 104 7.17 -31.97 -6.71
N LEU A 105 6.50 -31.33 -5.76
CA LEU A 105 7.14 -30.41 -4.85
C LEU A 105 7.71 -31.15 -3.65
N LYS A 106 9.00 -30.95 -3.39
CA LYS A 106 9.70 -31.60 -2.26
C LYS A 106 9.68 -30.71 -1.03
N GLU A 107 10.03 -31.27 0.12
CA GLU A 107 10.07 -30.51 1.36
C GLU A 107 11.12 -29.42 1.20
N GLY A 108 10.79 -28.21 1.66
CA GLY A 108 11.71 -27.08 1.57
C GLY A 108 11.89 -26.50 0.18
N GLU A 109 10.87 -26.67 -0.68
CA GLU A 109 10.88 -26.14 -2.06
C GLU A 109 9.76 -25.11 -2.18
N VAL A 110 9.97 -24.12 -3.05
CA VAL A 110 8.99 -23.05 -3.23
C VAL A 110 8.53 -23.03 -4.65
N LEU A 111 7.24 -22.82 -4.84
CA LEU A 111 6.64 -22.75 -6.15
C LEU A 111 5.83 -21.45 -6.18
N LEU A 112 5.97 -20.68 -7.25
CA LEU A 112 5.17 -19.46 -7.38
C LEU A 112 4.23 -19.65 -8.60
N LEU A 113 2.94 -19.41 -8.42
CA LEU A 113 1.98 -19.53 -9.51
C LEU A 113 1.91 -18.19 -10.20
N GLU A 114 1.27 -18.20 -11.36
CA GLU A 114 1.12 -16.99 -12.14
C GLU A 114 0.11 -16.09 -11.46
N ASN A 115 0.11 -14.83 -11.88
CA ASN A 115 -0.75 -13.74 -11.40
C ASN A 115 -2.17 -14.26 -11.14
N THR A 116 -2.66 -14.14 -9.90
CA THR A 116 -4.00 -14.62 -9.57
C THR A 116 -5.09 -13.89 -10.33
N ARG A 117 -4.83 -12.63 -10.68
CA ARG A 117 -5.81 -11.84 -11.40
C ARG A 117 -5.96 -12.17 -12.90
N PHE A 118 -5.21 -13.17 -13.38
CA PHE A 118 -5.33 -13.63 -14.77
C PHE A 118 -6.56 -14.51 -14.81
N HIS A 119 -7.13 -14.78 -13.63
CA HIS A 119 -8.32 -15.59 -13.55
C HIS A 119 -9.45 -14.69 -13.10
N PRO A 120 -10.57 -14.68 -13.85
CA PRO A 120 -11.73 -13.84 -13.54
C PRO A 120 -12.32 -14.08 -12.16
N GLY A 121 -12.19 -15.30 -11.67
CA GLY A 121 -12.71 -15.63 -10.37
C GLY A 121 -12.00 -15.01 -9.18
N GLU A 122 -10.74 -14.65 -9.36
CA GLU A 122 -9.98 -14.08 -8.25
C GLU A 122 -10.62 -12.85 -7.56
N THR A 123 -10.85 -11.78 -8.31
CA THR A 123 -11.43 -10.57 -7.73
C THR A 123 -12.93 -10.71 -7.43
N LYS A 124 -13.56 -11.76 -7.96
CA LYS A 124 -14.98 -12.05 -7.70
C LYS A 124 -15.17 -12.96 -6.47
N ASN A 125 -14.05 -13.48 -5.94
CA ASN A 125 -14.04 -14.41 -4.79
C ASN A 125 -14.88 -15.65 -5.15
N ASP A 126 -14.67 -16.10 -6.37
CA ASP A 126 -15.32 -17.27 -6.92
C ASP A 126 -15.02 -18.50 -6.05
N PRO A 127 -16.06 -19.15 -5.48
CA PRO A 127 -15.91 -20.32 -4.61
C PRO A 127 -15.26 -21.53 -5.30
N GLU A 128 -15.39 -21.63 -6.61
CA GLU A 128 -14.79 -22.73 -7.37
C GLU A 128 -13.29 -22.55 -7.53
N LEU A 129 -12.85 -21.29 -7.65
CA LEU A 129 -11.43 -20.99 -7.78
C LEU A 129 -10.79 -21.26 -6.43
N ALA A 130 -11.41 -20.75 -5.37
CA ALA A 130 -10.90 -20.94 -4.01
C ALA A 130 -10.79 -22.42 -3.64
N LYS A 131 -11.79 -23.21 -4.06
CA LYS A 131 -11.81 -24.66 -3.79
C LYS A 131 -10.66 -25.38 -4.48
N PHE A 132 -10.39 -25.03 -5.74
CA PHE A 132 -9.27 -25.66 -6.46
C PHE A 132 -7.97 -25.38 -5.72
N TRP A 133 -7.71 -24.11 -5.43
CA TRP A 133 -6.48 -23.73 -4.72
C TRP A 133 -6.38 -24.44 -3.37
N ALA A 134 -7.48 -24.49 -2.61
CA ALA A 134 -7.45 -25.15 -1.31
C ALA A 134 -7.12 -26.64 -1.45
N SER A 135 -7.49 -27.22 -2.58
CA SER A 135 -7.22 -28.64 -2.80
C SER A 135 -5.74 -28.98 -2.95
N LEU A 136 -4.88 -27.98 -3.15
CA LEU A 136 -3.46 -28.22 -3.34
C LEU A 136 -2.69 -28.19 -2.03
N ALA A 137 -3.34 -27.87 -0.92
CA ALA A 137 -2.61 -27.74 0.31
C ALA A 137 -3.34 -28.10 1.61
N ASP A 138 -2.59 -28.13 2.70
CA ASP A 138 -3.16 -28.44 4.01
C ASP A 138 -3.44 -27.18 4.80
N ILE A 139 -2.54 -26.20 4.69
CA ILE A 139 -2.71 -24.94 5.42
C ILE A 139 -2.56 -23.74 4.51
N HIS A 140 -3.24 -22.68 4.88
CA HIS A 140 -3.18 -21.44 4.16
C HIS A 140 -2.55 -20.37 5.06
N VAL A 141 -1.55 -19.67 4.54
CA VAL A 141 -0.88 -18.60 5.30
C VAL A 141 -1.16 -17.30 4.58
N ASN A 142 -1.78 -16.36 5.29
CA ASN A 142 -2.08 -15.05 4.72
C ASN A 142 -1.03 -14.05 5.22
N ASP A 143 -0.11 -13.66 4.35
CA ASP A 143 0.90 -12.69 4.73
C ASP A 143 0.76 -11.42 3.88
N ALA A 144 -0.34 -11.33 3.13
CA ALA A 144 -0.57 -10.21 2.24
C ALA A 144 -1.31 -9.02 2.90
N PHE A 145 -0.63 -8.34 3.81
CA PHE A 145 -1.26 -7.22 4.47
C PHE A 145 -1.75 -6.16 3.48
N GLY A 146 -0.97 -5.92 2.44
CA GLY A 146 -1.33 -4.93 1.44
C GLY A 146 -2.62 -5.20 0.68
N THR A 147 -3.06 -6.45 0.73
CA THR A 147 -4.28 -6.83 0.04
C THR A 147 -5.39 -7.18 1.06
N ALA A 148 -5.12 -7.01 2.35
CA ALA A 148 -6.07 -7.37 3.42
C ALA A 148 -7.44 -6.71 3.32
N HIS A 149 -7.50 -5.58 2.63
CA HIS A 149 -8.73 -4.83 2.41
C HIS A 149 -9.55 -5.38 1.22
N ARG A 150 -9.02 -6.39 0.55
CA ARG A 150 -9.69 -6.97 -0.59
C ARG A 150 -10.19 -8.33 -0.18
N ALA A 151 -11.43 -8.62 -0.52
CA ALA A 151 -12.01 -9.92 -0.22
C ALA A 151 -11.93 -10.74 -1.52
N HIS A 152 -10.77 -11.35 -1.75
CA HIS A 152 -10.56 -12.13 -2.95
C HIS A 152 -10.40 -13.63 -2.73
N ALA A 153 -10.48 -14.39 -3.82
CA ALA A 153 -10.37 -15.84 -3.76
C ALA A 153 -9.12 -16.33 -3.05
N SER A 154 -7.97 -15.76 -3.39
CA SER A 154 -6.68 -16.18 -2.82
C SER A 154 -6.43 -15.82 -1.37
N ASN A 155 -7.09 -14.80 -0.83
CA ASN A 155 -6.83 -14.42 0.55
C ASN A 155 -7.97 -14.70 1.52
N VAL A 156 -9.21 -14.60 1.04
CA VAL A 156 -10.38 -14.82 1.86
C VAL A 156 -11.05 -16.13 1.45
N GLY A 157 -11.20 -16.33 0.15
CA GLY A 157 -11.82 -17.52 -0.41
C GLY A 157 -11.26 -18.83 0.10
N ILE A 158 -9.98 -19.05 -0.08
CA ILE A 158 -9.33 -20.27 0.38
C ILE A 158 -9.49 -20.59 1.86
N ALA A 159 -9.65 -19.57 2.70
CA ALA A 159 -9.76 -19.75 4.15
C ALA A 159 -11.01 -20.47 4.63
N GLN A 160 -12.02 -20.51 3.77
CA GLN A 160 -13.28 -21.15 4.08
C GLN A 160 -13.24 -22.66 3.75
N PHE A 161 -12.07 -23.15 3.33
CA PHE A 161 -11.90 -24.53 2.97
C PHE A 161 -10.81 -25.19 3.80
N ILE A 162 -9.76 -24.45 4.10
CA ILE A 162 -8.65 -24.97 4.88
C ILE A 162 -8.26 -23.91 5.93
N PRO A 163 -7.58 -24.31 7.01
CA PRO A 163 -7.17 -23.35 8.05
C PRO A 163 -6.30 -22.24 7.47
N SER A 164 -6.61 -21.01 7.88
CA SER A 164 -5.89 -19.81 7.43
C SER A 164 -5.21 -19.13 8.64
N VAL A 165 -3.90 -19.04 8.62
CA VAL A 165 -3.14 -18.42 9.70
C VAL A 165 -2.31 -17.25 9.17
N ALA A 166 -1.93 -16.35 10.07
CA ALA A 166 -1.14 -15.18 9.70
C ALA A 166 0.35 -15.45 9.53
N GLY A 167 0.95 -14.76 8.57
CA GLY A 167 2.38 -14.87 8.42
C GLY A 167 3.01 -13.80 9.33
N PHE A 168 4.33 -13.65 9.30
CA PHE A 168 5.01 -12.68 10.15
C PHE A 168 4.79 -11.22 9.78
N LEU A 169 4.68 -10.91 8.49
CA LEU A 169 4.44 -9.54 8.07
C LEU A 169 3.06 -9.11 8.51
N MET A 170 2.07 -9.92 8.16
CA MET A 170 0.69 -9.66 8.53
C MET A 170 0.59 -9.42 10.05
N GLU A 171 1.30 -10.24 10.83
CA GLU A 171 1.32 -10.12 12.29
C GLU A 171 1.84 -8.76 12.76
N LYS A 172 3.04 -8.42 12.30
CA LYS A 172 3.74 -7.16 12.60
C LYS A 172 2.87 -5.93 12.25
N GLU A 173 2.29 -5.93 11.05
CA GLU A 173 1.45 -4.84 10.61
C GLU A 173 0.25 -4.64 11.55
N ILE A 174 -0.46 -5.72 11.86
CA ILE A 174 -1.62 -5.62 12.75
C ILE A 174 -1.20 -5.16 14.14
N LYS A 175 -0.13 -5.75 14.66
CA LYS A 175 0.38 -5.40 15.98
C LYS A 175 0.60 -3.91 16.07
N PHE A 176 1.28 -3.35 15.09
CA PHE A 176 1.52 -1.94 15.14
C PHE A 176 0.29 -1.04 14.96
N LEU A 177 -0.37 -1.15 13.81
CA LEU A 177 -1.52 -0.32 13.52
C LEU A 177 -2.62 -0.31 14.54
N SER A 178 -2.76 -1.40 15.30
CA SER A 178 -3.79 -1.50 16.32
C SER A 178 -3.66 -0.45 17.40
N LYS A 179 -2.42 -0.07 17.71
CA LYS A 179 -2.17 0.95 18.74
C LYS A 179 -2.82 2.25 18.29
N VAL A 180 -2.50 2.62 17.05
CA VAL A 180 -2.97 3.82 16.40
C VAL A 180 -4.46 3.78 16.04
N THR A 181 -4.99 2.59 15.82
CA THR A 181 -6.39 2.48 15.43
C THR A 181 -7.37 2.74 16.56
N TYR A 182 -7.05 2.23 17.73
CA TYR A 182 -7.93 2.38 18.86
C TYR A 182 -7.61 3.49 19.83
N ASN A 183 -6.33 3.62 20.21
CA ASN A 183 -5.99 4.67 21.16
C ASN A 183 -4.98 5.70 20.66
N PRO A 184 -5.36 6.48 19.63
CA PRO A 184 -4.48 7.51 19.08
C PRO A 184 -4.41 8.78 19.92
N GLU A 185 -3.22 9.08 20.41
CA GLU A 185 -2.97 10.28 21.21
C GLU A 185 -3.14 11.48 20.27
N LYS A 186 -3.80 12.53 20.76
CA LYS A 186 -4.04 13.72 19.94
C LYS A 186 -3.08 14.85 20.27
N PRO A 187 -2.87 15.80 19.32
CA PRO A 187 -3.45 15.91 17.97
C PRO A 187 -3.00 14.77 17.04
N TYR A 188 -3.94 14.25 16.27
CA TYR A 188 -3.72 13.17 15.34
C TYR A 188 -3.87 13.83 13.95
N VAL A 189 -2.76 13.90 13.23
CA VAL A 189 -2.76 14.52 11.89
C VAL A 189 -2.52 13.49 10.79
N VAL A 190 -3.31 13.58 9.74
CA VAL A 190 -3.21 12.69 8.60
C VAL A 190 -2.68 13.50 7.45
N VAL A 191 -1.68 12.96 6.76
CA VAL A 191 -1.11 13.64 5.61
C VAL A 191 -1.34 12.77 4.37
N LEU A 192 -2.13 13.27 3.43
CA LEU A 192 -2.45 12.56 2.20
C LEU A 192 -1.84 13.26 0.97
N GLY A 193 -1.34 12.47 0.01
CA GLY A 193 -0.76 13.03 -1.19
C GLY A 193 -0.89 12.01 -2.29
N GLY A 194 0.12 11.88 -3.14
CA GLY A 194 0.04 10.89 -4.20
C GLY A 194 -0.87 11.23 -5.34
N ALA A 195 -0.95 10.30 -6.30
CA ALA A 195 -1.73 10.44 -7.53
C ALA A 195 -2.96 9.57 -7.56
N LYS A 196 -2.94 8.48 -6.80
CA LYS A 196 -4.05 7.53 -6.71
C LYS A 196 -5.20 8.20 -5.90
N VAL A 197 -5.82 9.18 -6.54
CA VAL A 197 -6.92 9.96 -5.98
C VAL A 197 -8.19 9.13 -5.76
N SER A 198 -8.79 8.63 -6.84
CA SER A 198 -10.03 7.82 -6.77
C SER A 198 -10.07 6.76 -5.67
N ASP A 199 -8.91 6.26 -5.27
CA ASP A 199 -8.86 5.22 -4.25
C ASP A 199 -8.81 5.76 -2.82
N LYS A 200 -8.14 6.89 -2.61
CA LYS A 200 -7.96 7.51 -1.27
C LYS A 200 -9.04 8.48 -0.75
N ILE A 201 -9.63 9.26 -1.67
CA ILE A 201 -10.63 10.26 -1.29
C ILE A 201 -11.75 9.73 -0.40
N GLY A 202 -12.08 8.46 -0.58
CA GLY A 202 -13.14 7.86 0.19
C GLY A 202 -12.83 7.64 1.65
N VAL A 203 -11.55 7.51 1.99
CA VAL A 203 -11.21 7.28 3.39
C VAL A 203 -11.36 8.55 4.20
N ILE A 204 -11.40 9.69 3.52
CA ILE A 204 -11.49 10.96 4.22
C ILE A 204 -12.76 11.07 5.08
N THR A 205 -13.90 10.66 4.53
CA THR A 205 -15.15 10.72 5.28
C THR A 205 -15.06 9.97 6.64
N ASN A 206 -14.32 8.85 6.66
CA ASN A 206 -14.14 8.03 7.87
C ASN A 206 -12.99 8.59 8.73
N LEU A 207 -11.88 8.95 8.10
CA LEU A 207 -10.74 9.49 8.81
C LEU A 207 -11.17 10.73 9.58
N MET A 208 -12.12 11.45 9.00
CA MET A 208 -12.67 12.69 9.57
C MET A 208 -13.28 12.48 10.94
N GLU A 209 -13.58 11.23 11.28
CA GLU A 209 -14.17 10.89 12.58
C GLU A 209 -13.16 10.91 13.74
N LYS A 210 -11.91 10.56 13.47
CA LYS A 210 -10.91 10.51 14.53
C LYS A 210 -9.70 11.45 14.42
N ALA A 211 -9.48 12.04 13.25
CA ALA A 211 -8.33 12.94 13.06
C ALA A 211 -8.66 14.39 13.36
N ASP A 212 -7.63 15.12 13.77
CA ASP A 212 -7.77 16.53 14.10
C ASP A 212 -7.55 17.43 12.90
N ARG A 213 -6.51 17.14 12.12
CA ARG A 213 -6.20 17.94 10.93
C ARG A 213 -5.86 16.98 9.79
N ILE A 214 -6.20 17.38 8.57
CA ILE A 214 -5.90 16.57 7.39
C ILE A 214 -5.19 17.45 6.34
N LEU A 215 -3.91 17.17 6.11
CA LEU A 215 -3.15 17.93 5.12
C LEU A 215 -3.19 17.19 3.79
N ILE A 216 -3.49 17.91 2.71
CA ILE A 216 -3.59 17.30 1.39
C ILE A 216 -2.55 17.91 0.44
N GLY A 217 -1.82 17.03 -0.24
CA GLY A 217 -0.78 17.45 -1.17
C GLY A 217 -0.80 16.54 -2.37
N GLY A 218 0.35 16.35 -3.00
CA GLY A 218 0.41 15.48 -4.16
C GLY A 218 -0.53 15.95 -5.25
N ALA A 219 -1.02 15.04 -6.07
CA ALA A 219 -1.94 15.44 -7.14
C ALA A 219 -3.34 15.60 -6.57
N MET A 220 -3.55 15.03 -5.40
CA MET A 220 -4.85 15.09 -4.76
C MET A 220 -5.27 16.53 -4.46
N MET A 221 -4.31 17.39 -4.16
CA MET A 221 -4.62 18.79 -3.85
C MET A 221 -5.49 19.47 -4.91
N PHE A 222 -5.31 19.11 -6.18
CA PHE A 222 -6.04 19.71 -7.31
C PHE A 222 -7.51 19.35 -7.48
N THR A 223 -7.92 18.17 -7.01
CA THR A 223 -9.33 17.79 -7.10
C THR A 223 -10.08 18.59 -6.02
N PHE A 224 -9.41 18.85 -4.90
CA PHE A 224 -9.98 19.62 -3.80
C PHE A 224 -9.94 21.10 -4.14
N LEU A 225 -8.81 21.55 -4.68
CA LEU A 225 -8.59 22.94 -5.06
C LEU A 225 -9.57 23.38 -6.16
N LYS A 226 -9.74 22.54 -7.18
CA LYS A 226 -10.66 22.83 -8.27
C LYS A 226 -12.08 22.87 -7.69
N ALA A 227 -12.38 21.97 -6.75
CA ALA A 227 -13.71 21.94 -6.13
C ALA A 227 -14.03 23.28 -5.46
N LEU A 228 -12.98 23.99 -5.03
CA LEU A 228 -13.09 25.31 -4.42
C LEU A 228 -13.06 26.48 -5.45
N GLY A 229 -13.24 26.16 -6.72
CA GLY A 229 -13.20 27.18 -7.77
C GLY A 229 -11.88 27.27 -8.53
N LYS A 230 -10.81 27.59 -7.81
CA LYS A 230 -9.44 27.76 -8.32
C LYS A 230 -9.04 27.19 -9.70
N GLU A 231 -8.24 27.97 -10.40
CA GLU A 231 -7.72 27.62 -11.72
C GLU A 231 -6.58 26.65 -11.48
N VAL A 232 -6.82 25.38 -11.74
CA VAL A 232 -5.77 24.39 -11.54
C VAL A 232 -4.82 24.40 -12.74
N GLY A 233 -5.35 24.79 -13.90
CA GLY A 233 -4.54 24.82 -15.10
C GLY A 233 -4.43 23.48 -15.77
N SER A 234 -3.20 23.05 -16.00
CA SER A 234 -2.92 21.78 -16.66
C SER A 234 -2.86 20.57 -15.70
N SER A 235 -2.83 20.86 -14.40
CA SER A 235 -2.74 19.84 -13.35
C SER A 235 -3.72 18.68 -13.41
N ARG A 236 -3.29 17.55 -12.87
CA ARG A 236 -4.09 16.32 -12.84
C ARG A 236 -5.24 16.44 -11.82
N VAL A 237 -6.47 16.37 -12.32
CA VAL A 237 -7.67 16.44 -11.47
C VAL A 237 -8.55 15.22 -11.75
N GLU A 238 -9.18 14.65 -10.73
CA GLU A 238 -10.04 13.50 -10.95
C GLU A 238 -11.50 13.94 -11.04
N GLU A 239 -11.87 14.35 -12.26
CA GLU A 239 -13.21 14.82 -12.62
C GLU A 239 -14.40 14.15 -11.92
N ASP A 240 -14.40 12.82 -11.90
CA ASP A 240 -15.48 12.04 -11.30
C ASP A 240 -15.60 12.11 -9.77
N LYS A 241 -14.66 12.78 -9.11
CA LYS A 241 -14.65 12.90 -7.66
C LYS A 241 -14.71 14.32 -7.14
N ILE A 242 -14.87 15.29 -8.03
CA ILE A 242 -14.90 16.69 -7.62
C ILE A 242 -16.09 17.02 -6.72
N ASP A 243 -17.25 16.50 -7.08
CA ASP A 243 -18.48 16.72 -6.32
C ASP A 243 -18.37 16.14 -4.91
N LEU A 244 -17.69 15.00 -4.76
CA LEU A 244 -17.52 14.39 -3.44
C LEU A 244 -16.56 15.26 -2.65
N ALA A 245 -15.51 15.73 -3.31
CA ALA A 245 -14.53 16.60 -2.66
C ALA A 245 -15.24 17.82 -2.07
N LYS A 246 -16.19 18.37 -2.83
CA LYS A 246 -16.95 19.52 -2.41
C LYS A 246 -17.73 19.22 -1.12
N GLU A 247 -18.37 18.05 -1.05
CA GLU A 247 -19.13 17.62 0.13
C GLU A 247 -18.22 17.38 1.31
N LEU A 248 -17.03 16.85 1.05
CA LEU A 248 -16.07 16.59 2.12
C LEU A 248 -15.53 17.88 2.77
N VAL A 249 -15.16 18.87 1.97
CA VAL A 249 -14.67 20.14 2.53
C VAL A 249 -15.77 20.76 3.39
N GLU A 250 -17.01 20.72 2.89
CA GLU A 250 -18.19 21.24 3.61
C GLU A 250 -18.39 20.51 4.94
N LYS A 251 -18.43 19.19 4.89
CA LYS A 251 -18.61 18.35 6.09
C LYS A 251 -17.48 18.53 7.14
N ALA A 252 -16.24 18.70 6.68
CA ALA A 252 -15.11 18.90 7.58
C ALA A 252 -15.37 20.10 8.49
N LYS A 253 -15.83 21.20 7.90
CA LYS A 253 -16.15 22.42 8.66
C LYS A 253 -17.20 22.17 9.73
N GLU A 254 -18.35 21.63 9.33
CA GLU A 254 -19.44 21.30 10.25
C GLU A 254 -18.95 20.41 11.39
N LYS A 255 -17.95 19.56 11.11
CA LYS A 255 -17.43 18.67 12.13
C LYS A 255 -16.20 19.16 12.92
N GLY A 256 -15.79 20.40 12.72
CA GLY A 256 -14.65 20.93 13.44
C GLY A 256 -13.31 20.27 13.09
N VAL A 257 -13.22 19.67 11.90
CA VAL A 257 -11.98 19.01 11.42
C VAL A 257 -11.34 19.97 10.43
N GLU A 258 -10.05 20.20 10.59
CA GLU A 258 -9.33 21.09 9.71
C GLU A 258 -8.66 20.40 8.53
N ILE A 259 -9.03 20.78 7.32
CA ILE A 259 -8.44 20.21 6.12
C ILE A 259 -7.53 21.30 5.55
N VAL A 260 -6.22 21.08 5.63
CA VAL A 260 -5.25 22.05 5.14
C VAL A 260 -4.86 21.80 3.70
N LEU A 261 -5.17 22.74 2.82
CA LEU A 261 -4.83 22.64 1.42
C LEU A 261 -3.61 23.54 1.14
N PRO A 262 -2.88 23.27 0.05
CA PRO A 262 -1.70 24.11 -0.26
C PRO A 262 -2.10 25.54 -0.68
N VAL A 263 -1.18 26.49 -0.48
CA VAL A 263 -1.40 27.88 -0.86
C VAL A 263 -0.63 28.21 -2.13
N ASP A 264 0.56 27.61 -2.27
CA ASP A 264 1.42 27.79 -3.46
C ASP A 264 1.87 26.45 -4.03
N ALA A 265 2.29 26.46 -5.29
CA ALA A 265 2.72 25.26 -5.97
C ALA A 265 3.93 25.52 -6.87
N VAL A 266 4.79 24.52 -7.03
CA VAL A 266 5.94 24.61 -7.92
C VAL A 266 5.38 24.07 -9.20
N ILE A 267 5.34 24.89 -10.24
CA ILE A 267 4.78 24.43 -11.50
C ILE A 267 5.84 24.38 -12.59
N ALA A 268 5.51 23.72 -13.67
CA ALA A 268 6.45 23.59 -14.77
C ALA A 268 5.62 23.11 -15.92
N GLN A 269 5.99 23.48 -17.13
CA GLN A 269 5.23 23.07 -18.29
C GLN A 269 5.48 21.59 -18.58
N LYS A 270 6.70 21.14 -18.33
CA LYS A 270 7.07 19.75 -18.57
C LYS A 270 7.41 19.01 -17.29
N ILE A 271 7.26 17.68 -17.35
CA ILE A 271 7.55 16.83 -16.21
C ILE A 271 8.83 16.01 -16.48
N GLU A 272 9.95 16.71 -16.49
CA GLU A 272 11.26 16.11 -16.71
C GLU A 272 12.24 16.93 -15.87
N PRO A 273 13.40 16.36 -15.54
CA PRO A 273 14.40 17.06 -14.73
C PRO A 273 15.08 18.29 -15.36
N GLY A 274 15.61 19.16 -14.49
CA GLY A 274 16.31 20.37 -14.91
C GLY A 274 15.58 21.54 -15.54
N VAL A 275 14.36 21.34 -16.03
CA VAL A 275 13.59 22.42 -16.67
C VAL A 275 13.30 23.60 -15.74
N GLU A 276 12.79 24.69 -16.33
CA GLU A 276 12.46 25.91 -15.58
C GLU A 276 11.17 25.78 -14.77
N LYS A 277 11.28 26.01 -13.48
CA LYS A 277 10.14 25.92 -12.61
C LYS A 277 9.90 27.31 -12.04
N LYS A 278 8.64 27.60 -11.76
CA LYS A 278 8.22 28.88 -11.20
C LYS A 278 7.21 28.61 -10.09
N VAL A 279 7.49 29.11 -8.90
CA VAL A 279 6.59 28.94 -7.76
C VAL A 279 5.46 29.95 -7.89
N VAL A 280 4.24 29.47 -8.07
CA VAL A 280 3.08 30.35 -8.19
C VAL A 280 2.10 30.13 -7.03
N ARG A 281 1.19 31.09 -6.81
CA ARG A 281 0.19 30.96 -5.74
C ARG A 281 -1.14 30.51 -6.35
N ILE A 282 -1.87 29.65 -5.65
CA ILE A 282 -3.11 29.12 -6.17
C ILE A 282 -4.21 30.15 -6.32
N ASP A 283 -4.21 31.11 -5.40
CA ASP A 283 -5.18 32.20 -5.41
C ASP A 283 -5.00 33.00 -6.70
N ASP A 284 -3.75 33.04 -7.17
CA ASP A 284 -3.36 33.74 -8.39
C ASP A 284 -3.63 32.87 -9.62
N GLY A 285 -3.79 31.58 -9.38
CA GLY A 285 -4.11 30.66 -10.45
C GLY A 285 -2.93 30.08 -11.19
N ILE A 286 -3.08 28.82 -11.55
CA ILE A 286 -2.08 28.11 -12.31
C ILE A 286 -2.53 28.23 -13.75
N PRO A 287 -1.73 28.93 -14.55
CA PRO A 287 -2.00 29.16 -15.98
C PRO A 287 -2.02 27.86 -16.77
N GLU A 288 -3.06 27.66 -17.57
CA GLU A 288 -3.15 26.46 -18.40
C GLU A 288 -1.84 26.40 -19.18
N GLY A 289 -1.01 25.42 -18.87
CA GLY A 289 0.28 25.29 -19.53
C GLY A 289 1.29 24.85 -18.50
N TRP A 290 1.17 25.37 -17.30
CA TRP A 290 2.06 25.00 -16.22
C TRP A 290 1.26 24.03 -15.32
N MET A 291 1.89 22.94 -14.89
CA MET A 291 1.24 21.94 -14.03
C MET A 291 1.83 22.04 -12.64
N GLY A 292 1.00 21.82 -11.63
CA GLY A 292 1.47 21.81 -10.25
C GLY A 292 2.15 20.47 -10.11
N LEU A 293 3.40 20.47 -9.67
CA LEU A 293 4.16 19.25 -9.53
C LEU A 293 4.80 19.03 -8.15
N ASP A 294 4.66 19.99 -7.25
CA ASP A 294 5.20 19.88 -5.90
C ASP A 294 4.63 21.04 -5.10
N ILE A 295 4.47 20.86 -3.81
CA ILE A 295 3.96 21.93 -3.00
C ILE A 295 5.05 22.99 -2.91
N GLY A 296 4.66 24.26 -2.85
CA GLY A 296 5.65 25.31 -2.79
C GLY A 296 6.22 25.57 -1.42
N PRO A 297 7.22 26.47 -1.33
CA PRO A 297 7.91 26.88 -0.10
C PRO A 297 6.97 27.37 0.99
N GLU A 298 5.90 28.06 0.59
CA GLU A 298 4.95 28.57 1.57
C GLU A 298 4.19 27.42 2.25
N THR A 299 3.65 26.50 1.44
CA THR A 299 2.93 25.33 1.94
C THR A 299 3.84 24.50 2.85
N ILE A 300 5.09 24.31 2.45
CA ILE A 300 6.05 23.54 3.25
C ILE A 300 6.09 24.12 4.65
N GLU A 301 6.09 25.45 4.75
CA GLU A 301 6.12 26.10 6.05
C GLU A 301 4.80 25.92 6.82
N LEU A 302 3.70 25.99 6.08
CA LEU A 302 2.37 25.80 6.65
C LEU A 302 2.23 24.40 7.22
N PHE A 303 2.46 23.39 6.38
CA PHE A 303 2.39 21.97 6.75
C PHE A 303 3.27 21.70 7.95
N LYS A 304 4.49 22.25 7.96
CA LYS A 304 5.40 22.08 9.08
C LYS A 304 4.75 22.62 10.35
N GLN A 305 4.20 23.83 10.27
CA GLN A 305 3.53 24.44 11.41
C GLN A 305 2.42 23.51 11.93
N LYS A 306 1.51 23.16 11.02
CA LYS A 306 0.38 22.27 11.33
C LYS A 306 0.79 20.88 11.85
N LEU A 307 2.05 20.49 11.61
CA LEU A 307 2.56 19.20 12.06
C LEU A 307 3.29 19.29 13.40
N SER A 308 3.90 20.44 13.65
CA SER A 308 4.71 20.68 14.86
C SER A 308 4.29 20.07 16.19
N ASP A 309 3.00 20.14 16.50
CA ASP A 309 2.47 19.64 17.78
C ASP A 309 1.73 18.30 17.75
N ALA A 310 1.79 17.58 16.63
CA ALA A 310 1.10 16.29 16.48
C ALA A 310 1.66 15.16 17.38
N LYS A 311 0.79 14.32 17.91
CA LYS A 311 1.21 13.18 18.73
C LYS A 311 1.12 11.88 17.92
N THR A 312 0.35 11.94 16.83
CA THR A 312 0.15 10.82 15.92
C THR A 312 0.06 11.38 14.51
N VAL A 313 0.92 10.87 13.61
CA VAL A 313 0.90 11.30 12.22
C VAL A 313 0.83 10.06 11.32
N VAL A 314 -0.10 10.09 10.38
CA VAL A 314 -0.26 9.01 9.41
C VAL A 314 -0.02 9.67 8.08
N TRP A 315 1.01 9.22 7.37
CA TRP A 315 1.30 9.80 6.08
C TRP A 315 1.21 8.79 4.91
N ASN A 316 0.43 9.13 3.90
CA ASN A 316 0.33 8.29 2.71
C ASN A 316 0.25 9.18 1.48
N GLY A 317 1.28 9.13 0.64
CA GLY A 317 1.26 9.88 -0.61
C GLY A 317 2.35 10.93 -0.73
N PRO A 318 3.17 10.88 -1.79
CA PRO A 318 4.23 11.88 -1.98
C PRO A 318 3.60 13.26 -2.22
N MET A 319 4.22 14.31 -1.68
CA MET A 319 3.73 15.69 -1.83
C MET A 319 3.84 16.17 -3.26
N GLY A 320 4.84 15.66 -3.97
CA GLY A 320 5.05 16.02 -5.35
C GLY A 320 5.70 14.86 -6.09
N VAL A 321 6.09 15.09 -7.32
CA VAL A 321 6.73 14.06 -8.13
C VAL A 321 8.18 13.95 -7.65
N PHE A 322 8.37 13.35 -6.48
CA PHE A 322 9.67 13.18 -5.85
C PHE A 322 10.73 12.42 -6.71
N GLU A 323 10.28 11.65 -7.69
CA GLU A 323 11.18 10.89 -8.57
C GLU A 323 12.21 11.81 -9.27
N ILE A 324 11.73 12.99 -9.69
CA ILE A 324 12.56 13.98 -10.33
C ILE A 324 12.96 14.99 -9.25
N ASP A 325 14.25 15.04 -8.95
CA ASP A 325 14.81 15.93 -7.91
C ASP A 325 14.30 17.36 -7.92
N ASP A 326 13.90 17.81 -9.11
CA ASP A 326 13.39 19.15 -9.29
C ASP A 326 12.10 19.41 -8.54
N PHE A 327 11.30 18.35 -8.37
CA PHE A 327 10.01 18.42 -7.68
C PHE A 327 9.95 17.48 -6.47
N ALA A 328 11.05 17.35 -5.75
CA ALA A 328 11.10 16.46 -4.61
C ALA A 328 11.20 17.13 -3.25
N GLU A 329 11.39 18.44 -3.25
CA GLU A 329 11.53 19.20 -2.03
C GLU A 329 10.35 19.11 -1.06
N GLY A 330 9.13 19.14 -1.61
CA GLY A 330 7.94 19.07 -0.78
C GLY A 330 7.96 17.79 0.02
N THR A 331 8.22 16.69 -0.68
CA THR A 331 8.31 15.36 -0.10
C THR A 331 9.43 15.23 0.93
N LYS A 332 10.63 15.71 0.58
CA LYS A 332 11.75 15.62 1.50
C LYS A 332 11.51 16.41 2.77
N GLN A 333 11.10 17.66 2.62
CA GLN A 333 10.87 18.50 3.79
C GLN A 333 9.73 18.00 4.68
N VAL A 334 8.66 17.49 4.07
CA VAL A 334 7.55 16.96 4.86
C VAL A 334 8.06 15.72 5.60
N ALA A 335 8.73 14.82 4.88
CA ALA A 335 9.28 13.62 5.48
C ALA A 335 10.19 13.98 6.65
N LEU A 336 11.02 15.00 6.47
CA LEU A 336 11.94 15.47 7.50
C LEU A 336 11.20 16.04 8.72
N ALA A 337 10.11 16.76 8.46
CA ALA A 337 9.29 17.36 9.51
C ALA A 337 8.64 16.27 10.33
N ILE A 338 8.18 15.22 9.66
CA ILE A 338 7.54 14.08 10.34
C ILE A 338 8.54 13.20 11.10
N ALA A 339 9.70 12.94 10.51
CA ALA A 339 10.76 12.16 11.16
C ALA A 339 11.20 12.86 12.46
N ALA A 340 11.21 14.20 12.46
CA ALA A 340 11.59 14.98 13.64
C ALA A 340 10.63 14.75 14.84
N LEU A 341 9.33 14.62 14.55
CA LEU A 341 8.33 14.39 15.58
C LEU A 341 8.56 13.04 16.26
N THR A 342 9.00 12.07 15.49
CA THR A 342 9.25 10.75 16.04
C THR A 342 10.21 10.83 17.20
N GLU A 343 11.31 11.55 17.00
CA GLU A 343 12.33 11.72 18.04
C GLU A 343 11.70 12.42 19.25
N LYS A 344 10.77 13.35 19.00
CA LYS A 344 10.09 14.05 20.08
C LYS A 344 8.96 13.23 20.75
N GLY A 345 8.82 11.95 20.41
CA GLY A 345 7.80 11.12 21.04
C GLY A 345 6.50 10.83 20.31
N ALA A 346 6.32 11.38 19.11
CA ALA A 346 5.11 11.16 18.34
C ALA A 346 5.14 9.80 17.67
N ILE A 347 3.96 9.19 17.49
CA ILE A 347 3.86 7.93 16.78
C ILE A 347 3.66 8.32 15.31
N THR A 348 4.64 7.99 14.47
CA THR A 348 4.60 8.33 13.05
C THR A 348 4.52 7.08 12.14
N VAL A 349 3.54 7.08 11.23
CA VAL A 349 3.35 5.95 10.32
C VAL A 349 3.36 6.40 8.87
N VAL A 350 4.17 5.73 8.07
CA VAL A 350 4.25 6.00 6.64
C VAL A 350 3.64 4.78 5.96
N GLY A 351 2.66 4.99 5.10
CA GLY A 351 2.05 3.86 4.42
C GLY A 351 1.92 4.19 2.96
N GLY A 352 2.21 3.23 2.09
CA GLY A 352 2.10 3.49 0.67
C GLY A 352 3.36 3.11 -0.04
N GLY A 353 3.19 2.50 -1.21
CA GLY A 353 4.31 2.09 -2.02
C GLY A 353 5.39 3.15 -2.27
N ASP A 354 5.02 4.26 -2.92
CA ASP A 354 5.97 5.33 -3.22
C ASP A 354 6.39 6.15 -2.01
N SER A 355 5.51 6.23 -1.02
CA SER A 355 5.86 6.94 0.20
C SER A 355 7.03 6.20 0.85
N ALA A 356 6.95 4.87 0.91
CA ALA A 356 8.04 4.06 1.47
C ALA A 356 9.33 4.28 0.64
N ALA A 357 9.18 4.29 -0.68
CA ALA A 357 10.30 4.50 -1.59
C ALA A 357 10.89 5.87 -1.30
N ALA A 358 10.02 6.85 -1.07
CA ALA A 358 10.45 8.20 -0.79
C ALA A 358 11.29 8.28 0.48
N VAL A 359 10.83 7.68 1.57
CA VAL A 359 11.64 7.76 2.79
C VAL A 359 12.97 7.05 2.60
N ASN A 360 12.96 5.96 1.84
CA ASN A 360 14.19 5.22 1.58
C ASN A 360 15.16 6.12 0.83
N LYS A 361 14.69 6.74 -0.24
CA LYS A 361 15.50 7.64 -1.05
C LYS A 361 16.22 8.72 -0.25
N PHE A 362 15.61 9.20 0.83
CA PHE A 362 16.24 10.24 1.65
C PHE A 362 17.00 9.71 2.86
N GLY A 363 17.09 8.39 3.00
CA GLY A 363 17.80 7.81 4.12
C GLY A 363 17.09 7.94 5.44
N LEU A 364 15.77 8.02 5.40
CA LEU A 364 14.97 8.19 6.60
C LEU A 364 14.24 6.96 7.12
N GLU A 365 14.42 5.82 6.46
CA GLU A 365 13.74 4.58 6.84
C GLU A 365 13.63 4.26 8.33
N ASP A 366 14.69 4.46 9.10
CA ASP A 366 14.64 4.17 10.55
C ASP A 366 14.21 5.34 11.41
N LYS A 367 13.70 6.39 10.79
CA LYS A 367 13.32 7.58 11.53
C LYS A 367 11.83 7.66 11.89
N PHE A 368 11.03 6.70 11.43
CA PHE A 368 9.58 6.68 11.71
C PHE A 368 9.21 5.51 12.61
N SER A 369 8.08 5.61 13.31
CA SER A 369 7.64 4.52 14.18
C SER A 369 7.34 3.26 13.37
N HIS A 370 6.73 3.44 12.20
CA HIS A 370 6.39 2.30 11.37
C HIS A 370 6.27 2.74 9.91
N VAL A 371 6.81 1.92 9.02
CA VAL A 371 6.76 2.16 7.58
C VAL A 371 6.05 0.96 6.90
N SER A 372 5.07 1.24 6.02
CA SER A 372 4.31 0.17 5.32
C SER A 372 4.08 0.54 3.84
N THR A 373 3.97 -0.47 2.95
CA THR A 373 3.69 -0.22 1.52
C THR A 373 2.22 -0.50 1.26
N GLY A 374 1.66 -1.27 2.20
CA GLY A 374 0.25 -1.56 2.22
C GLY A 374 -0.47 -0.27 2.49
N GLY A 375 -0.43 0.56 1.49
CA GLY A 375 -0.95 1.89 1.56
C GLY A 375 -2.45 1.96 1.75
N GLY A 376 -3.19 1.41 0.82
CA GLY A 376 -4.65 1.39 0.92
C GLY A 376 -5.18 0.57 2.10
N ALA A 377 -4.56 -0.59 2.32
CA ALA A 377 -4.93 -1.46 3.42
C ALA A 377 -4.76 -0.76 4.77
N SER A 378 -3.66 -0.04 4.96
CA SER A 378 -3.43 0.62 6.23
C SER A 378 -4.38 1.79 6.48
N LEU A 379 -4.69 2.56 5.43
CA LEU A 379 -5.63 3.67 5.61
C LEU A 379 -6.98 3.10 6.05
N GLU A 380 -7.44 2.05 5.37
CA GLU A 380 -8.71 1.41 5.74
C GLU A 380 -8.70 0.79 7.13
N PHE A 381 -7.58 0.21 7.52
CA PHE A 381 -7.44 -0.38 8.84
C PHE A 381 -7.76 0.69 9.90
N LEU A 382 -7.14 1.85 9.76
CA LEU A 382 -7.34 2.95 10.71
C LEU A 382 -8.80 3.29 10.97
N GLU A 383 -9.67 2.97 10.03
CA GLU A 383 -11.10 3.26 10.19
C GLU A 383 -11.79 2.47 11.32
N GLY A 384 -11.13 1.42 11.82
CA GLY A 384 -11.70 0.65 12.91
C GLY A 384 -12.40 -0.67 12.64
N LYS A 385 -13.03 -0.84 11.48
CA LYS A 385 -13.71 -2.11 11.17
C LYS A 385 -12.67 -3.18 10.78
N GLU A 386 -12.96 -4.46 11.06
CA GLU A 386 -12.02 -5.53 10.72
C GLU A 386 -11.99 -5.77 9.19
N LEU A 387 -10.79 -5.76 8.63
CA LEU A 387 -10.65 -5.97 7.19
C LEU A 387 -10.99 -7.41 6.80
N PRO A 388 -11.63 -7.61 5.63
CA PRO A 388 -12.00 -8.94 5.17
C PRO A 388 -10.86 -9.99 5.17
N GLY A 389 -9.66 -9.57 4.77
CA GLY A 389 -8.51 -10.46 4.73
C GLY A 389 -7.90 -10.75 6.09
N ILE A 390 -8.42 -10.06 7.11
CA ILE A 390 -7.96 -10.26 8.49
C ILE A 390 -9.03 -11.10 9.21
N ALA A 391 -10.30 -10.76 8.93
CA ALA A 391 -11.43 -11.47 9.49
C ALA A 391 -11.36 -12.94 9.09
N SER A 392 -10.94 -13.22 7.86
CA SER A 392 -10.85 -14.59 7.35
C SER A 392 -9.85 -15.51 8.06
N MET A 393 -8.98 -14.94 8.88
CA MET A 393 -8.00 -15.73 9.60
C MET A 393 -8.55 -16.31 10.91
N ARG A 394 -8.04 -17.48 11.29
CA ARG A 394 -8.45 -18.18 12.51
C ARG A 394 -8.01 -17.42 13.74
N ILE A 395 -8.91 -17.36 14.71
CA ILE A 395 -8.65 -16.69 15.98
C ILE A 395 -7.78 -17.65 16.79
N LYS A 396 -6.91 -17.10 17.62
CA LYS A 396 -6.06 -17.94 18.45
C LYS A 396 -6.85 -18.31 19.72
N LYS A 397 -6.98 -19.62 19.97
CA LYS A 397 -7.72 -20.15 21.14
C LYS A 397 -6.90 -21.17 21.98
N ALA A 398 -7.61 -21.98 22.78
CA ALA A 398 -6.99 -23.00 23.63
C ALA A 398 -8.05 -23.89 24.27
MG MG B . 1.10 3.72 -4.79
PG ANP C . -0.63 3.79 -2.20
O1G ANP C . -0.98 3.64 -3.64
O2G ANP C . 0.27 2.69 -1.67
O3G ANP C . -1.78 4.18 -1.34
PB ANP C . 1.69 5.89 -2.66
O1B ANP C . 2.21 4.71 -3.38
O2B ANP C . 2.65 6.38 -1.57
N3B ANP C . 0.42 5.30 -2.02
PA ANP C . 0.42 6.92 -4.84
O1A ANP C . -0.92 7.52 -4.79
O2A ANP C . 0.48 5.68 -5.66
O3A ANP C . 1.19 6.98 -3.57
O5' ANP C . 1.24 7.87 -5.87
C5' ANP C . 2.57 8.47 -5.70
C4' ANP C . 2.81 8.94 -7.08
O4' ANP C . 1.94 10.04 -7.28
C3' ANP C . 4.24 9.24 -7.46
O3' ANP C . 4.49 8.63 -8.77
C2' ANP C . 4.22 10.79 -7.41
O2' ANP C . 5.19 11.46 -8.26
C1' ANP C . 2.78 11.07 -7.87
N9 ANP C . 2.48 12.52 -7.59
C8 ANP C . 2.78 13.27 -6.46
N7 ANP C . 2.58 14.55 -6.60
C5 ANP C . 2.11 14.67 -7.95
C6 ANP C . 1.59 15.78 -8.73
N6 ANP C . 1.37 17.00 -8.20
N1 ANP C . 1.20 15.51 -10.00
C2 ANP C . 1.31 14.30 -10.46
N3 ANP C . 1.75 13.21 -9.87
C4 ANP C . 2.11 13.44 -8.58
C1 3PG D . -1.76 -2.58 -3.19
O1 3PG D . -0.64 -2.43 -3.92
O2 3PG D . -2.33 -1.49 -2.66
C2 3PG D . -2.39 -3.89 -3.03
O3 3PG D . -1.60 -4.84 -3.76
C3 3PG D . -3.81 -3.73 -3.59
O1P 3PG D . -3.73 -3.78 -5.00
P 3PG D . -5.20 -3.43 -5.68
O2P 3PG D . -5.57 -1.85 -5.23
O3P 3PG D . -5.07 -3.52 -7.37
O4P 3PG D . -6.42 -4.46 -5.15
#